data_7T9Y
#
_entry.id   7T9Y
#
_cell.length_a   67.229
_cell.length_b   98.870
_cell.length_c   101.620
_cell.angle_alpha   90.000
_cell.angle_beta   90.000
_cell.angle_gamma   90.000
#
_symmetry.space_group_name_H-M   'P 21 21 21'
#
loop_
_entity.id
_entity.type
_entity.pdbx_description
1 polymer '3C-like proteinase'
2 polymer 'Nonstructural protein 8/9'
3 non-polymer GLYCEROL
4 water water
#
loop_
_entity_poly.entity_id
_entity_poly.type
_entity_poly.pdbx_seq_one_letter_code
_entity_poly.pdbx_strand_id
1 'polypeptide(L)'
;SGFRKMAFPSGKVEGCMVQVTCGTTTLNGLWLDDVVYCPRHVICTSEDMLNPNYEDLLIRKSNHNFLVQAGNVQLRVIGH
SMQNCVLKLKVDTANPKTPKYKFVRIQPGQTFSVLACYNGSPSGVYQCAMRPNFTIKGSFLNGSAGSVGFNIDYDCVSFC
YMHHMELPTGVHAGTDLEGNFYGPFVDRQTAQAAGTDTTITVNVLAWLYAAVINGDRWFLNRFTTTLNDFNLVAMKYNYE
PLTQDHVDILGPLSAQTGIAVLDMCASLKELLQNGMNGRTILGSALLEDEFTPFDVVRQCSGVTFQ
;
A,B
2 'polypeptide(L)' SAVKLQNNEL C,D
#
loop_
_chem_comp.id
_chem_comp.type
_chem_comp.name
_chem_comp.formula
GOL non-polymer GLYCEROL 'C3 H8 O3'
#
# COMPACT_ATOMS: atom_id res chain seq x y z
N SER A 1 8.83 13.50 6.95
CA SER A 1 7.83 13.13 7.95
C SER A 1 6.68 12.35 7.32
N GLY A 2 5.73 11.95 8.15
CA GLY A 2 4.61 11.15 7.68
C GLY A 2 4.86 9.66 7.89
N PHE A 3 3.75 8.92 7.98
CA PHE A 3 3.82 7.48 8.22
C PHE A 3 2.64 6.83 7.51
N ARG A 4 2.94 5.87 6.64
CA ARG A 4 1.95 5.26 5.77
C ARG A 4 2.09 3.75 5.78
N LYS A 5 0.98 3.05 5.55
CA LYS A 5 1.04 1.62 5.28
C LYS A 5 1.78 1.43 3.96
N MET A 6 3.10 1.24 4.04
CA MET A 6 3.97 1.25 2.88
C MET A 6 4.28 -0.19 2.48
N ALA A 7 3.95 -0.53 1.24
CA ALA A 7 4.31 -1.81 0.67
C ALA A 7 5.63 -1.69 -0.10
N PHE A 8 6.20 -2.83 -0.46
CA PHE A 8 7.38 -2.77 -1.32
C PHE A 8 6.94 -2.62 -2.78
N PRO A 9 7.81 -2.05 -3.62
CA PRO A 9 7.48 -1.97 -5.05
C PRO A 9 7.31 -3.37 -5.62
N SER A 10 6.25 -3.57 -6.40
CA SER A 10 5.81 -4.90 -6.78
C SER A 10 6.37 -5.39 -8.11
N GLY A 11 7.20 -4.59 -8.77
CA GLY A 11 7.64 -4.94 -10.12
C GLY A 11 8.36 -6.28 -10.21
N LYS A 12 9.21 -6.58 -9.22
CA LYS A 12 9.98 -7.82 -9.26
C LYS A 12 9.07 -9.05 -9.13
N VAL A 13 7.91 -8.90 -8.48
CA VAL A 13 6.98 -10.01 -8.35
C VAL A 13 6.02 -10.09 -9.54
N GLU A 14 5.63 -8.93 -10.11
CA GLU A 14 4.75 -8.93 -11.27
C GLU A 14 5.32 -9.77 -12.41
N GLY A 15 6.61 -9.66 -12.68
CA GLY A 15 7.23 -10.41 -13.76
C GLY A 15 7.30 -11.91 -13.53
N CYS A 16 6.90 -12.38 -12.35
CA CYS A 16 6.87 -13.80 -12.03
C CYS A 16 5.46 -14.38 -12.01
N MET A 17 4.43 -13.55 -12.13
CA MET A 17 3.06 -14.01 -11.97
C MET A 17 2.59 -14.67 -13.26
N VAL A 18 2.04 -15.88 -13.15
CA VAL A 18 1.46 -16.60 -14.29
C VAL A 18 0.09 -17.12 -13.91
N GLN A 19 -0.61 -17.65 -14.90
CA GLN A 19 -1.88 -18.33 -14.70
C GLN A 19 -1.68 -19.83 -14.82
N VAL A 20 -2.32 -20.58 -13.93
CA VAL A 20 -2.26 -22.04 -13.94
C VAL A 20 -3.68 -22.57 -14.01
N THR A 21 -3.94 -23.42 -14.99
CA THR A 21 -5.26 -24.00 -15.19
C THR A 21 -5.12 -25.52 -15.25
N CYS A 22 -6.00 -26.20 -14.53
CA CYS A 22 -6.10 -27.66 -14.59
C CYS A 22 -7.58 -27.98 -14.70
N GLY A 23 -7.98 -28.57 -15.83
CA GLY A 23 -9.40 -28.76 -16.09
C GLY A 23 -10.10 -27.42 -16.21
N THR A 24 -11.11 -27.20 -15.37
CA THR A 24 -11.80 -25.92 -15.30
C THR A 24 -11.41 -25.12 -14.06
N THR A 25 -10.45 -25.59 -13.29
CA THR A 25 -9.94 -24.89 -12.13
C THR A 25 -8.73 -24.04 -12.54
N THR A 26 -8.72 -22.78 -12.13
CA THR A 26 -7.62 -21.88 -12.47
C THR A 26 -7.27 -21.02 -11.26
N LEU A 27 -5.98 -20.70 -11.16
CA LEU A 27 -5.47 -19.79 -10.13
C LEU A 27 -4.16 -19.21 -10.62
N ASN A 28 -3.46 -18.48 -9.74
CA ASN A 28 -2.19 -17.88 -10.08
C ASN A 28 -1.03 -18.79 -9.73
N GLY A 29 0.08 -18.63 -10.45
CA GLY A 29 1.31 -19.31 -10.14
C GLY A 29 2.47 -18.35 -10.11
N LEU A 30 3.53 -18.76 -9.43
CA LEU A 30 4.75 -17.97 -9.27
C LEU A 30 5.86 -18.61 -10.08
N TRP A 31 6.36 -17.88 -11.09
CA TRP A 31 7.31 -18.41 -12.07
C TRP A 31 8.70 -17.93 -11.70
N LEU A 32 9.50 -18.81 -11.12
CA LEU A 32 10.89 -18.52 -10.77
C LEU A 32 11.77 -19.54 -11.45
N ASP A 33 12.71 -19.08 -12.27
CA ASP A 33 13.60 -19.94 -13.06
C ASP A 33 12.70 -20.85 -13.89
N ASP A 34 12.90 -22.17 -13.86
CA ASP A 34 12.10 -23.09 -14.66
C ASP A 34 11.02 -23.80 -13.85
N VAL A 35 10.66 -23.27 -12.68
CA VAL A 35 9.65 -23.86 -11.83
C VAL A 35 8.52 -22.86 -11.60
N VAL A 36 7.28 -23.34 -11.71
CA VAL A 36 6.11 -22.55 -11.39
C VAL A 36 5.48 -23.12 -10.13
N TYR A 37 5.37 -22.28 -9.10
CA TYR A 37 4.79 -22.67 -7.82
C TYR A 37 3.34 -22.19 -7.76
N CYS A 38 2.44 -23.06 -7.30
CA CYS A 38 1.03 -22.72 -7.20
C CYS A 38 0.39 -23.61 -6.15
N PRO A 39 -0.75 -23.21 -5.60
CA PRO A 39 -1.42 -24.07 -4.62
C PRO A 39 -1.93 -25.33 -5.29
N ARG A 40 -1.82 -26.44 -4.56
CA ARG A 40 -2.12 -27.74 -5.16
C ARG A 40 -3.61 -27.96 -5.39
N HIS A 41 -4.49 -27.16 -4.74
CA HIS A 41 -5.91 -27.42 -4.98
C HIS A 41 -6.38 -27.02 -6.38
N VAL A 42 -5.46 -26.60 -7.26
CA VAL A 42 -5.81 -26.41 -8.66
C VAL A 42 -6.08 -27.75 -9.35
N ILE A 43 -5.68 -28.88 -8.75
CA ILE A 43 -5.93 -30.18 -9.36
C ILE A 43 -7.23 -30.77 -8.81
N CYS A 44 -7.99 -29.96 -8.06
CA CYS A 44 -9.31 -30.34 -7.60
C CYS A 44 -10.36 -29.99 -8.64
N THR A 45 -11.44 -30.76 -8.65
CA THR A 45 -12.62 -30.44 -9.45
C THR A 45 -13.61 -29.63 -8.59
N SER A 46 -14.71 -29.21 -9.20
CA SER A 46 -15.79 -28.56 -8.44
C SER A 46 -16.25 -29.45 -7.30
N GLU A 47 -16.56 -30.71 -7.59
CA GLU A 47 -16.70 -31.70 -6.55
C GLU A 47 -15.33 -32.17 -6.12
N ASP A 48 -15.28 -32.87 -4.98
CA ASP A 48 -14.03 -33.35 -4.40
C ASP A 48 -13.12 -32.18 -4.00
N MET A 49 -13.66 -31.29 -3.17
CA MET A 49 -12.87 -30.25 -2.52
C MET A 49 -13.07 -30.24 -1.00
N LEU A 50 -13.79 -31.23 -0.47
CA LEU A 50 -13.98 -31.39 0.96
C LEU A 50 -12.94 -32.32 1.56
N ASN A 51 -12.69 -33.46 0.91
CA ASN A 51 -11.71 -34.43 1.37
C ASN A 51 -10.91 -34.96 0.18
N PRO A 52 -10.21 -34.09 -0.54
CA PRO A 52 -9.41 -34.56 -1.68
C PRO A 52 -8.19 -35.32 -1.19
N ASN A 53 -7.80 -36.34 -1.96
CA ASN A 53 -6.52 -37.01 -1.75
C ASN A 53 -5.59 -36.49 -2.83
N TYR A 54 -4.78 -35.49 -2.47
CA TYR A 54 -3.98 -34.79 -3.47
C TYR A 54 -2.95 -35.71 -4.11
N GLU A 55 -2.36 -36.61 -3.32
CA GLU A 55 -1.44 -37.58 -3.90
C GLU A 55 -2.12 -38.43 -4.97
N ASP A 56 -3.35 -38.87 -4.71
CA ASP A 56 -4.06 -39.66 -5.71
C ASP A 56 -4.53 -38.79 -6.87
N LEU A 57 -4.94 -37.55 -6.59
CA LEU A 57 -5.37 -36.66 -7.66
C LEU A 57 -4.21 -36.28 -8.57
N LEU A 58 -3.00 -36.18 -8.02
CA LEU A 58 -1.86 -35.76 -8.81
C LEU A 58 -1.32 -36.89 -9.69
N ILE A 59 -1.34 -38.12 -9.18
CA ILE A 59 -0.80 -39.24 -9.95
C ILE A 59 -1.62 -39.50 -11.22
N ARG A 60 -2.88 -39.05 -11.25
CA ARG A 60 -3.72 -39.19 -12.43
C ARG A 60 -3.48 -38.12 -13.48
N LYS A 61 -2.61 -37.15 -13.23
CA LYS A 61 -2.37 -36.03 -14.13
C LYS A 61 -1.13 -36.27 -14.98
N SER A 62 -1.21 -35.89 -16.25
CA SER A 62 -0.04 -35.79 -17.11
C SER A 62 0.43 -34.33 -17.17
N ASN A 63 1.67 -34.16 -17.60
CA ASN A 63 2.23 -32.82 -17.72
C ASN A 63 1.36 -31.90 -18.57
N HIS A 64 0.74 -32.44 -19.61
CA HIS A 64 -0.09 -31.63 -20.51
C HIS A 64 -1.45 -31.32 -19.92
N ASN A 65 -1.77 -31.83 -18.73
CA ASN A 65 -3.00 -31.43 -18.04
C ASN A 65 -2.87 -30.07 -17.38
N PHE A 66 -1.65 -29.54 -17.25
CA PHE A 66 -1.42 -28.25 -16.61
C PHE A 66 -1.21 -27.20 -17.69
N LEU A 67 -2.14 -26.26 -17.80
CA LEU A 67 -2.04 -25.16 -18.75
C LEU A 67 -1.49 -23.94 -18.02
N VAL A 68 -0.30 -23.49 -18.41
CA VAL A 68 0.35 -22.34 -17.78
C VAL A 68 0.49 -21.23 -18.81
N GLN A 69 -0.09 -20.08 -18.52
CA GLN A 69 0.01 -18.91 -19.39
C GLN A 69 0.84 -17.83 -18.72
N ALA A 70 1.94 -17.45 -19.35
CA ALA A 70 2.74 -16.29 -18.95
C ALA A 70 2.44 -15.20 -19.96
N GLY A 71 1.47 -14.34 -19.65
CA GLY A 71 1.03 -13.34 -20.59
C GLY A 71 0.37 -13.96 -21.80
N ASN A 72 0.90 -13.69 -22.98
CA ASN A 72 0.35 -14.23 -24.23
C ASN A 72 0.97 -15.56 -24.64
N VAL A 73 1.99 -16.03 -23.92
CA VAL A 73 2.71 -17.25 -24.27
C VAL A 73 2.34 -18.37 -23.30
N GLN A 74 2.09 -19.55 -23.85
CA GLN A 74 1.84 -20.73 -23.03
C GLN A 74 3.17 -21.43 -22.72
N LEU A 75 3.42 -21.68 -21.44
CA LEU A 75 4.62 -22.39 -21.03
C LEU A 75 4.41 -23.89 -21.14
N ARG A 76 5.46 -24.58 -21.60
CA ARG A 76 5.40 -26.02 -21.79
C ARG A 76 5.78 -26.73 -20.49
N VAL A 77 4.85 -27.48 -19.93
CA VAL A 77 5.10 -28.20 -18.67
C VAL A 77 5.80 -29.52 -19.00
N ILE A 78 7.00 -29.69 -18.48
CA ILE A 78 7.82 -30.87 -18.70
C ILE A 78 8.03 -31.67 -17.42
N GLY A 79 7.39 -31.26 -16.32
CA GLY A 79 7.56 -31.96 -15.06
C GLY A 79 6.66 -31.43 -13.97
N HIS A 80 6.25 -32.29 -13.04
CA HIS A 80 5.38 -31.87 -11.96
C HIS A 80 5.66 -32.69 -10.71
N SER A 81 5.61 -32.04 -9.56
CA SER A 81 5.77 -32.70 -8.27
C SER A 81 5.05 -31.88 -7.21
N MET A 82 4.85 -32.49 -6.06
CA MET A 82 4.14 -31.87 -4.95
C MET A 82 5.05 -31.79 -3.74
N GLN A 83 5.16 -30.60 -3.16
CA GLN A 83 5.86 -30.38 -1.90
C GLN A 83 4.85 -29.80 -0.93
N ASN A 84 4.42 -30.63 0.04
CA ASN A 84 3.43 -30.23 1.05
C ASN A 84 2.18 -29.77 0.31
N CYS A 85 1.71 -28.54 0.53
CA CYS A 85 0.47 -28.08 -0.09
C CYS A 85 0.70 -27.27 -1.36
N VAL A 86 1.91 -27.30 -1.91
CA VAL A 86 2.24 -26.51 -3.09
C VAL A 86 2.61 -27.45 -4.24
N LEU A 87 2.20 -27.07 -5.44
CA LEU A 87 2.60 -27.76 -6.65
C LEU A 87 3.80 -27.06 -7.27
N LYS A 88 4.76 -27.84 -7.76
CA LYS A 88 5.95 -27.33 -8.43
C LYS A 88 5.95 -27.86 -9.86
N LEU A 89 5.65 -27.00 -10.82
CA LEU A 89 5.57 -27.37 -12.22
C LEU A 89 6.85 -26.95 -12.92
N LYS A 90 7.62 -27.94 -13.40
CA LYS A 90 8.83 -27.66 -14.15
C LYS A 90 8.45 -27.29 -15.58
N VAL A 91 8.99 -26.18 -16.07
CA VAL A 91 8.73 -25.73 -17.43
C VAL A 91 10.05 -25.71 -18.18
N ASP A 92 9.95 -25.72 -19.52
CA ASP A 92 11.13 -25.79 -20.38
C ASP A 92 11.76 -24.44 -20.65
N THR A 93 11.34 -23.39 -19.93
CA THR A 93 11.87 -22.04 -20.11
C THR A 93 12.05 -21.41 -18.75
N ALA A 94 13.26 -20.98 -18.45
CA ALA A 94 13.50 -20.22 -17.22
C ALA A 94 12.99 -18.79 -17.41
N ASN A 95 12.27 -18.28 -16.40
CA ASN A 95 11.71 -16.92 -16.43
C ASN A 95 12.83 -15.90 -16.55
N PRO A 96 12.91 -15.18 -17.68
CA PRO A 96 13.98 -14.19 -17.83
C PRO A 96 13.86 -13.02 -16.86
N LYS A 97 12.69 -12.80 -16.27
CA LYS A 97 12.50 -11.75 -15.27
C LYS A 97 12.69 -12.25 -13.85
N THR A 98 13.17 -13.48 -13.67
CA THR A 98 13.41 -14.01 -12.33
C THR A 98 14.37 -13.09 -11.58
N PRO A 99 13.95 -12.50 -10.48
CA PRO A 99 14.85 -11.65 -9.69
C PRO A 99 15.64 -12.50 -8.70
N LYS A 100 16.57 -11.85 -8.02
CA LYS A 100 17.18 -12.46 -6.85
C LYS A 100 16.09 -12.71 -5.81
N TYR A 101 16.02 -13.94 -5.31
CA TYR A 101 14.95 -14.29 -4.39
C TYR A 101 15.43 -15.31 -3.39
N LYS A 102 14.57 -15.55 -2.40
CA LYS A 102 14.77 -16.61 -1.42
C LYS A 102 13.42 -16.88 -0.76
N PHE A 103 13.28 -18.08 -0.22
CA PHE A 103 12.08 -18.46 0.51
C PHE A 103 12.35 -18.33 2.01
N VAL A 104 11.43 -17.70 2.73
CA VAL A 104 11.55 -17.48 4.16
C VAL A 104 10.20 -17.76 4.80
N ARG A 105 10.20 -18.53 5.89
CA ARG A 105 9.03 -18.71 6.72
C ARG A 105 9.07 -17.69 7.86
N ILE A 106 7.97 -16.97 8.06
CA ILE A 106 7.93 -15.87 9.01
C ILE A 106 7.17 -16.30 10.27
N GLN A 107 7.32 -15.52 11.32
CA GLN A 107 6.65 -15.69 12.60
C GLN A 107 5.50 -14.69 12.73
N PRO A 108 4.50 -14.99 13.56
CA PRO A 108 3.41 -14.04 13.78
C PRO A 108 3.96 -12.68 14.21
N GLY A 109 3.31 -11.62 13.73
CA GLY A 109 3.76 -10.26 13.91
C GLY A 109 4.50 -9.70 12.72
N GLN A 110 5.16 -10.55 11.93
CA GLN A 110 5.90 -10.10 10.77
C GLN A 110 4.95 -9.53 9.72
N THR A 111 5.41 -8.51 9.01
CA THR A 111 4.65 -7.89 7.94
C THR A 111 5.24 -8.26 6.59
N PHE A 112 4.46 -8.01 5.53
CA PHE A 112 4.90 -8.28 4.16
C PHE A 112 3.93 -7.63 3.20
N SER A 113 4.37 -7.45 1.96
CA SER A 113 3.54 -6.93 0.89
C SER A 113 2.84 -8.06 0.17
N VAL A 114 1.60 -7.83 -0.25
CA VAL A 114 0.81 -8.78 -1.00
C VAL A 114 0.52 -8.19 -2.36
N LEU A 115 0.84 -8.93 -3.43
CA LEU A 115 0.43 -8.57 -4.79
C LEU A 115 -0.77 -9.46 -5.14
N ALA A 116 -1.97 -8.92 -4.93
CA ALA A 116 -3.18 -9.67 -5.23
C ALA A 116 -3.37 -9.79 -6.74
N CYS A 117 -3.59 -11.02 -7.21
CA CYS A 117 -3.63 -11.31 -8.63
C CYS A 117 -4.84 -12.17 -8.99
N TYR A 118 -5.26 -12.04 -10.24
CA TYR A 118 -6.33 -12.85 -10.82
C TYR A 118 -5.93 -13.17 -12.26
N ASN A 119 -6.01 -14.46 -12.62
CA ASN A 119 -5.68 -14.93 -13.95
C ASN A 119 -4.24 -14.57 -14.34
N GLY A 120 -3.34 -14.62 -13.36
CA GLY A 120 -1.95 -14.28 -13.57
C GLY A 120 -1.66 -12.81 -13.74
N SER A 121 -2.65 -11.93 -13.58
CA SER A 121 -2.40 -10.50 -13.71
C SER A 121 -2.61 -9.78 -12.39
N PRO A 122 -1.80 -8.77 -12.09
CA PRO A 122 -1.90 -8.11 -10.78
C PRO A 122 -3.10 -7.19 -10.69
N SER A 123 -3.80 -7.27 -9.56
CA SER A 123 -4.88 -6.34 -9.26
C SER A 123 -4.41 -5.17 -8.40
N GLY A 124 -3.55 -5.41 -7.43
CA GLY A 124 -3.07 -4.33 -6.57
C GLY A 124 -2.11 -4.87 -5.54
N VAL A 125 -1.51 -3.95 -4.80
CA VAL A 125 -0.52 -4.28 -3.77
C VAL A 125 -0.93 -3.61 -2.46
N TYR A 126 -0.84 -4.37 -1.37
CA TYR A 126 -1.16 -3.84 -0.05
C TYR A 126 -0.34 -4.58 0.99
N GLN A 127 -0.29 -4.00 2.19
CA GLN A 127 0.54 -4.51 3.28
C GLN A 127 -0.29 -5.34 4.24
N CYS A 128 0.32 -6.40 4.76
CA CYS A 128 -0.34 -7.37 5.61
C CYS A 128 0.58 -7.75 6.76
N ALA A 129 0.01 -8.39 7.77
CA ALA A 129 0.79 -8.97 8.85
C ALA A 129 0.29 -10.38 9.14
N MET A 130 1.22 -11.26 9.49
CA MET A 130 0.88 -12.56 10.05
C MET A 130 0.27 -12.35 11.44
N ARG A 131 -1.03 -12.59 11.56
CA ARG A 131 -1.69 -12.41 12.84
C ARG A 131 -1.23 -13.47 13.83
N PRO A 132 -1.36 -13.21 15.14
CA PRO A 132 -0.99 -14.24 16.12
C PRO A 132 -1.76 -15.54 15.98
N ASN A 133 -2.99 -15.51 15.44
CA ASN A 133 -3.74 -16.74 15.20
C ASN A 133 -3.41 -17.35 13.84
N PHE A 134 -2.34 -16.89 13.18
CA PHE A 134 -1.79 -17.46 11.96
C PHE A 134 -2.68 -17.26 10.75
N THR A 135 -3.60 -16.31 10.79
CA THR A 135 -4.31 -15.84 9.61
C THR A 135 -3.72 -14.52 9.15
N ILE A 136 -4.16 -14.06 7.99
CA ILE A 136 -3.90 -12.71 7.55
C ILE A 136 -5.22 -12.07 7.18
N LYS A 137 -5.32 -10.76 7.38
CA LYS A 137 -6.50 -9.98 7.03
C LYS A 137 -6.24 -9.38 5.65
N GLY A 138 -6.45 -10.19 4.62
CA GLY A 138 -6.17 -9.80 3.26
C GLY A 138 -7.38 -9.23 2.56
N SER A 139 -7.20 -8.97 1.27
CA SER A 139 -8.29 -8.57 0.38
C SER A 139 -8.21 -9.52 -0.81
N PHE A 140 -9.03 -10.58 -0.78
CA PHE A 140 -8.88 -11.70 -1.70
C PHE A 140 -10.26 -12.18 -2.14
N LEU A 141 -10.42 -12.38 -3.44
CA LEU A 141 -11.63 -12.93 -4.02
C LEU A 141 -11.34 -14.28 -4.64
N ASN A 142 -12.38 -14.91 -5.19
CA ASN A 142 -12.18 -16.16 -5.91
C ASN A 142 -11.22 -15.94 -7.07
N GLY A 143 -10.26 -16.85 -7.21
CA GLY A 143 -9.21 -16.72 -8.20
C GLY A 143 -7.91 -16.12 -7.70
N SER A 144 -7.90 -15.58 -6.48
CA SER A 144 -6.69 -14.96 -5.95
C SER A 144 -5.67 -15.97 -5.42
N ALA A 145 -6.07 -17.23 -5.20
CA ALA A 145 -5.12 -18.24 -4.78
C ALA A 145 -3.90 -18.24 -5.70
N GLY A 146 -2.72 -18.40 -5.12
CA GLY A 146 -1.47 -18.27 -5.85
C GLY A 146 -0.81 -16.91 -5.70
N SER A 147 -1.56 -15.88 -5.32
CA SER A 147 -0.97 -14.59 -4.97
C SER A 147 0.02 -14.78 -3.82
N VAL A 148 1.10 -13.99 -3.82
CA VAL A 148 2.16 -14.20 -2.85
C VAL A 148 2.34 -12.96 -2.00
N GLY A 149 2.90 -13.19 -0.81
CA GLY A 149 3.38 -12.14 0.06
C GLY A 149 4.89 -12.16 0.11
N PHE A 150 5.49 -10.98 0.26
CA PHE A 150 6.92 -10.84 0.07
C PHE A 150 7.42 -9.58 0.75
N ASN A 151 8.74 -9.54 0.94
CA ASN A 151 9.46 -8.33 1.30
C ASN A 151 10.64 -8.19 0.36
N ILE A 152 11.05 -6.94 0.10
CA ILE A 152 12.20 -6.70 -0.75
C ILE A 152 13.17 -5.79 0.00
N ASP A 153 13.59 -6.23 1.18
CA ASP A 153 14.71 -5.57 1.84
C ASP A 153 15.95 -5.78 0.99
N TYR A 154 16.63 -4.67 0.69
CA TYR A 154 17.85 -4.66 -0.15
C TYR A 154 17.43 -5.03 -1.57
N ASP A 155 18.10 -5.96 -2.25
CA ASP A 155 17.82 -6.25 -3.65
C ASP A 155 17.31 -7.68 -3.85
N CYS A 156 16.87 -8.32 -2.78
CA CYS A 156 16.45 -9.71 -2.83
C CYS A 156 14.99 -9.81 -2.40
N VAL A 157 14.17 -10.44 -3.23
CA VAL A 157 12.78 -10.67 -2.88
C VAL A 157 12.70 -11.87 -1.93
N SER A 158 12.15 -11.65 -0.75
CA SER A 158 11.94 -12.73 0.23
C SER A 158 10.46 -13.11 0.16
N PHE A 159 10.18 -14.22 -0.54
CA PHE A 159 8.82 -14.74 -0.60
C PHE A 159 8.49 -15.47 0.71
N CYS A 160 7.42 -15.04 1.39
CA CYS A 160 7.07 -15.62 2.68
C CYS A 160 5.66 -16.18 2.74
N TYR A 161 4.82 -15.96 1.73
CA TYR A 161 3.42 -16.36 1.82
C TYR A 161 2.89 -16.68 0.43
N MET A 162 2.13 -17.75 0.34
CA MET A 162 1.33 -18.05 -0.86
C MET A 162 -0.12 -18.23 -0.41
N HIS A 163 -1.03 -17.53 -1.07
CA HIS A 163 -2.43 -17.54 -0.65
C HIS A 163 -3.17 -18.79 -1.12
N HIS A 164 -4.02 -19.34 -0.24
CA HIS A 164 -4.79 -20.53 -0.58
C HIS A 164 -6.31 -20.33 -0.40
N MET A 165 -6.74 -19.78 0.74
CA MET A 165 -8.14 -19.95 1.10
C MET A 165 -8.64 -18.81 1.99
N GLU A 166 -9.97 -18.69 2.05
CA GLU A 166 -10.64 -17.72 2.91
C GLU A 166 -11.44 -18.47 3.96
N LEU A 167 -11.33 -18.04 5.22
CA LEU A 167 -12.03 -18.60 6.36
C LEU A 167 -13.39 -17.94 6.53
N PRO A 168 -14.30 -18.56 7.30
CA PRO A 168 -15.68 -18.04 7.35
C PRO A 168 -15.80 -16.61 7.85
N THR A 169 -14.85 -16.13 8.66
CA THR A 169 -14.90 -14.73 9.09
C THR A 169 -14.32 -13.77 8.05
N GLY A 170 -13.91 -14.26 6.89
CA GLY A 170 -13.33 -13.39 5.89
C GLY A 170 -11.85 -13.14 6.02
N VAL A 171 -11.18 -13.78 6.97
CA VAL A 171 -9.73 -13.73 7.05
C VAL A 171 -9.18 -14.84 6.18
N HIS A 172 -7.86 -14.86 5.97
CA HIS A 172 -7.28 -15.71 4.95
C HIS A 172 -6.15 -16.55 5.53
N ALA A 173 -5.88 -17.67 4.86
CA ALA A 173 -4.88 -18.64 5.30
C ALA A 173 -4.09 -19.12 4.09
N GLY A 174 -2.83 -19.45 4.34
CA GLY A 174 -1.97 -19.92 3.28
C GLY A 174 -0.71 -20.52 3.83
N THR A 175 0.26 -20.72 2.95
CA THR A 175 1.48 -21.47 3.23
C THR A 175 2.71 -20.61 3.00
N ASP A 176 3.84 -21.09 3.51
CA ASP A 176 5.10 -20.58 3.02
C ASP A 176 5.35 -21.14 1.62
N LEU A 177 6.48 -20.76 1.02
CA LEU A 177 6.76 -21.19 -0.34
C LEU A 177 7.24 -22.63 -0.42
N GLU A 178 7.39 -23.30 0.71
CA GLU A 178 7.61 -24.74 0.76
C GLU A 178 6.32 -25.52 0.91
N GLY A 179 5.18 -24.85 0.93
CA GLY A 179 3.89 -25.52 1.01
C GLY A 179 3.40 -25.83 2.40
N ASN A 180 4.10 -25.39 3.44
CA ASN A 180 3.67 -25.64 4.82
C ASN A 180 2.75 -24.52 5.26
N PHE A 181 1.56 -24.90 5.71
CA PHE A 181 0.58 -23.91 6.13
C PHE A 181 1.10 -23.12 7.33
N TYR A 182 0.68 -21.87 7.41
CA TYR A 182 0.77 -21.12 8.65
C TYR A 182 -0.45 -21.48 9.50
N GLY A 183 -0.21 -21.85 10.76
CA GLY A 183 -1.28 -22.29 11.63
C GLY A 183 -1.70 -23.72 11.35
N PRO A 184 -2.78 -24.16 12.00
CA PRO A 184 -3.25 -25.54 11.85
C PRO A 184 -4.18 -25.77 10.67
N PHE A 185 -4.30 -24.82 9.75
CA PHE A 185 -5.28 -24.94 8.69
C PHE A 185 -4.84 -25.94 7.62
N VAL A 186 -5.82 -26.45 6.87
CA VAL A 186 -5.59 -27.41 5.81
C VAL A 186 -6.33 -26.94 4.56
N ASP A 187 -5.81 -27.33 3.39
CA ASP A 187 -6.41 -26.90 2.12
C ASP A 187 -7.58 -27.83 1.75
N ARG A 188 -8.61 -27.78 2.60
CA ARG A 188 -9.88 -28.44 2.39
C ARG A 188 -10.98 -27.48 2.80
N GLN A 189 -12.16 -27.63 2.21
CA GLN A 189 -13.30 -26.79 2.54
C GLN A 189 -14.09 -27.34 3.72
N THR A 190 -13.49 -28.25 4.49
CA THR A 190 -14.08 -28.65 5.76
C THR A 190 -14.10 -27.45 6.71
N ALA A 191 -15.04 -27.48 7.65
CA ALA A 191 -15.25 -26.37 8.56
C ALA A 191 -14.00 -26.13 9.40
N GLN A 192 -13.47 -24.91 9.32
CA GLN A 192 -12.32 -24.49 10.11
C GLN A 192 -12.61 -23.10 10.66
N ALA A 193 -11.97 -22.77 11.78
CA ALA A 193 -12.18 -21.49 12.45
C ALA A 193 -10.86 -20.95 12.97
N ALA A 194 -10.60 -19.67 12.70
CA ALA A 194 -9.46 -19.00 13.29
C ALA A 194 -9.67 -18.80 14.78
N GLY A 195 -8.61 -19.01 15.56
CA GLY A 195 -8.67 -18.74 16.98
C GLY A 195 -8.88 -17.26 17.26
N THR A 196 -9.07 -16.95 18.54
CA THR A 196 -9.24 -15.57 18.96
C THR A 196 -8.07 -14.73 18.45
N ASP A 197 -8.37 -13.67 17.73
CA ASP A 197 -7.30 -12.82 17.22
C ASP A 197 -6.89 -11.82 18.28
N THR A 198 -5.59 -11.76 18.54
CA THR A 198 -5.03 -10.87 19.55
C THR A 198 -4.22 -9.79 18.86
N THR A 199 -3.93 -8.73 19.61
CA THR A 199 -3.18 -7.60 19.09
C THR A 199 -1.69 -7.85 19.24
N ILE A 200 -0.92 -7.48 18.21
CA ILE A 200 0.53 -7.66 18.21
C ILE A 200 1.12 -6.51 19.02
N THR A 201 1.41 -6.77 20.29
CA THR A 201 1.78 -5.72 21.24
C THR A 201 3.07 -5.02 20.83
N VAL A 202 4.11 -5.79 20.52
CA VAL A 202 5.39 -5.18 20.16
C VAL A 202 5.24 -4.28 18.94
N ASN A 203 4.32 -4.61 18.03
CA ASN A 203 4.10 -3.75 16.87
C ASN A 203 3.43 -2.45 17.26
N VAL A 204 2.51 -2.49 18.22
CA VAL A 204 1.84 -1.27 18.68
C VAL A 204 2.86 -0.31 19.27
N LEU A 205 3.75 -0.83 20.13
CA LEU A 205 4.79 0.00 20.74
C LEU A 205 5.70 0.62 19.70
N ALA A 206 6.07 -0.16 18.67
CA ALA A 206 6.87 0.40 17.58
C ALA A 206 6.15 1.55 16.90
N TRP A 207 4.84 1.39 16.68
CA TRP A 207 4.04 2.42 16.04
C TRP A 207 3.94 3.67 16.93
N LEU A 208 3.89 3.49 18.25
CA LEU A 208 3.90 4.64 19.15
C LEU A 208 5.24 5.37 19.08
N TYR A 209 6.33 4.63 18.93
CA TYR A 209 7.63 5.26 18.74
C TYR A 209 7.65 6.06 17.44
N ALA A 210 7.02 5.53 16.39
CA ALA A 210 6.96 6.24 15.12
C ALA A 210 6.21 7.56 15.27
N ALA A 211 5.10 7.55 16.03
CA ALA A 211 4.39 8.79 16.32
C ALA A 211 5.31 9.80 17.00
N VAL A 212 6.02 9.36 18.05
CA VAL A 212 6.93 10.26 18.75
C VAL A 212 7.99 10.80 17.81
N ILE A 213 8.56 9.93 16.97
CA ILE A 213 9.54 10.37 15.97
C ILE A 213 8.95 11.45 15.08
N ASN A 214 7.66 11.32 14.72
CA ASN A 214 7.00 12.30 13.87
C ASN A 214 6.46 13.49 14.65
N GLY A 215 6.80 13.64 15.93
CA GLY A 215 6.48 14.86 16.65
C GLY A 215 5.23 14.82 17.50
N ASP A 216 4.69 13.64 17.78
CA ASP A 216 3.46 13.50 18.55
C ASP A 216 3.78 12.87 19.90
N ARG A 217 3.40 13.55 20.98
CA ARG A 217 3.70 13.08 22.32
C ARG A 217 2.51 13.10 23.27
N TRP A 218 1.31 13.46 22.80
CA TRP A 218 0.18 13.70 23.69
C TRP A 218 -0.19 12.48 24.52
N PHE A 219 0.16 11.27 24.06
CA PHE A 219 -0.26 10.03 24.70
C PHE A 219 0.72 9.54 25.76
N LEU A 220 1.90 10.15 25.86
CA LEU A 220 2.86 9.73 26.87
C LEU A 220 2.35 10.07 28.27
N ASN A 221 2.96 9.44 29.28
CA ASN A 221 2.73 9.84 30.66
C ASN A 221 4.03 9.71 31.43
N ARG A 222 4.02 10.18 32.68
CA ARG A 222 5.22 10.17 33.51
C ARG A 222 5.49 8.83 34.18
N PHE A 223 4.71 7.79 33.87
CA PHE A 223 4.79 6.52 34.57
C PHE A 223 5.70 5.53 33.86
N THR A 224 6.13 4.53 34.61
CA THR A 224 6.78 3.35 34.08
C THR A 224 6.03 2.14 34.61
N THR A 225 6.50 0.95 34.24
CA THR A 225 5.83 -0.27 34.68
C THR A 225 6.84 -1.41 34.60
N THR A 226 6.57 -2.46 35.37
CA THR A 226 7.34 -3.68 35.19
C THR A 226 6.80 -4.44 33.97
N LEU A 227 7.66 -5.28 33.39
CA LEU A 227 7.23 -6.10 32.26
C LEU A 227 6.07 -7.00 32.66
N ASN A 228 6.10 -7.52 33.88
CA ASN A 228 5.05 -8.45 34.32
C ASN A 228 3.72 -7.74 34.54
N ASP A 229 3.77 -6.54 35.13
CA ASP A 229 2.53 -5.80 35.36
C ASP A 229 1.90 -5.36 34.04
N PHE A 230 2.72 -4.97 33.07
CA PHE A 230 2.19 -4.62 31.76
C PHE A 230 1.47 -5.80 31.13
N ASN A 231 2.08 -6.98 31.17
CA ASN A 231 1.47 -8.15 30.55
C ASN A 231 0.17 -8.53 31.24
N LEU A 232 0.12 -8.37 32.57
CA LEU A 232 -1.15 -8.63 33.27
C LEU A 232 -2.24 -7.69 32.79
N VAL A 233 -1.89 -6.43 32.46
CA VAL A 233 -2.87 -5.51 31.89
C VAL A 233 -3.17 -5.87 30.44
N ALA A 234 -2.11 -6.07 29.64
CA ALA A 234 -2.26 -6.29 28.20
C ALA A 234 -3.21 -7.46 27.91
N MET A 235 -3.04 -8.57 28.62
CA MET A 235 -3.88 -9.74 28.38
C MET A 235 -5.35 -9.44 28.55
N LYS A 236 -5.70 -8.44 29.37
CA LYS A 236 -7.09 -8.11 29.61
C LYS A 236 -7.74 -7.44 28.39
N TYR A 237 -6.92 -6.89 27.48
CA TYR A 237 -7.42 -6.29 26.26
C TYR A 237 -7.16 -7.18 25.06
N ASN A 238 -6.92 -8.47 25.29
CA ASN A 238 -6.58 -9.43 24.22
C ASN A 238 -5.34 -9.00 23.46
N TYR A 239 -4.35 -8.50 24.20
CA TYR A 239 -3.05 -8.15 23.64
C TYR A 239 -2.07 -9.30 23.85
N GLU A 240 -1.25 -9.55 22.84
CA GLU A 240 -0.20 -10.56 22.95
C GLU A 240 0.76 -10.20 24.08
N PRO A 241 1.30 -11.20 24.78
CA PRO A 241 2.29 -10.90 25.83
C PRO A 241 3.54 -10.29 25.24
N LEU A 242 4.18 -9.42 26.01
CA LEU A 242 5.43 -8.79 25.62
C LEU A 242 6.57 -9.52 26.31
N THR A 243 7.46 -10.09 25.52
CA THR A 243 8.60 -10.84 26.04
C THR A 243 9.82 -9.94 26.13
N GLN A 244 10.82 -10.41 26.90
CA GLN A 244 12.09 -9.70 26.97
C GLN A 244 12.72 -9.52 25.60
N ASP A 245 12.52 -10.49 24.70
CA ASP A 245 13.05 -10.36 23.35
C ASP A 245 12.43 -9.18 22.63
N HIS A 246 11.12 -8.99 22.77
CA HIS A 246 10.47 -7.81 22.21
C HIS A 246 11.08 -6.53 22.80
N VAL A 247 11.25 -6.51 24.13
CA VAL A 247 11.86 -5.34 24.77
C VAL A 247 13.21 -5.02 24.12
N ASP A 248 14.04 -6.05 23.91
CA ASP A 248 15.32 -5.83 23.26
C ASP A 248 15.16 -5.31 21.84
N ILE A 249 14.16 -5.82 21.12
CA ILE A 249 13.93 -5.39 19.74
C ILE A 249 13.64 -3.90 19.70
N LEU A 250 12.94 -3.38 20.69
CA LEU A 250 12.58 -1.96 20.72
C LEU A 250 13.70 -1.07 21.24
N GLY A 251 14.85 -1.63 21.60
CA GLY A 251 15.96 -0.86 22.12
C GLY A 251 16.39 0.32 21.27
N PRO A 252 16.69 0.07 19.98
CA PRO A 252 17.05 1.19 19.10
C PRO A 252 16.02 2.31 19.05
N LEU A 253 14.73 1.98 18.92
CA LEU A 253 13.71 3.02 18.94
C LEU A 253 13.67 3.70 20.30
N SER A 254 13.83 2.93 21.37
CA SER A 254 13.94 3.52 22.71
C SER A 254 15.12 4.48 22.77
N ALA A 255 16.25 4.11 22.18
CA ALA A 255 17.44 4.97 22.22
C ALA A 255 17.27 6.19 21.33
N GLN A 256 16.60 6.04 20.19
CA GLN A 256 16.46 7.17 19.27
C GLN A 256 15.57 8.26 19.86
N THR A 257 14.50 7.88 20.55
CA THR A 257 13.56 8.85 21.08
C THR A 257 13.83 9.21 22.54
N GLY A 258 14.74 8.51 23.21
CA GLY A 258 14.98 8.78 24.61
C GLY A 258 13.86 8.35 25.54
N ILE A 259 12.98 7.47 25.09
CA ILE A 259 11.88 6.96 25.90
C ILE A 259 12.14 5.47 26.15
N ALA A 260 12.32 5.10 27.40
CA ALA A 260 12.53 3.71 27.76
C ALA A 260 11.35 2.85 27.30
N VAL A 261 11.65 1.60 26.93
CA VAL A 261 10.62 0.68 26.47
C VAL A 261 9.52 0.55 27.52
N LEU A 262 9.90 0.35 28.79
CA LEU A 262 8.91 0.17 29.84
C LEU A 262 8.13 1.46 30.11
N ASP A 263 8.73 2.61 29.84
CA ASP A 263 7.96 3.86 29.91
C ASP A 263 6.87 3.88 28.85
N MET A 264 7.22 3.53 27.61
CA MET A 264 6.22 3.52 26.55
C MET A 264 5.16 2.46 26.82
N CYS A 265 5.53 1.35 27.46
CA CYS A 265 4.54 0.37 27.87
C CYS A 265 3.52 0.97 28.83
N ALA A 266 3.98 1.86 29.72
CA ALA A 266 3.04 2.56 30.60
C ALA A 266 2.10 3.44 29.80
N SER A 267 2.62 4.10 28.76
CA SER A 267 1.77 4.87 27.85
C SER A 267 0.69 4.00 27.23
N LEU A 268 1.06 2.81 26.76
CA LEU A 268 0.09 1.93 26.12
C LEU A 268 -1.01 1.52 27.10
N LYS A 269 -0.64 1.26 28.36
CA LYS A 269 -1.64 0.90 29.35
C LYS A 269 -2.68 2.00 29.54
N GLU A 270 -2.25 3.26 29.54
CA GLU A 270 -3.18 4.37 29.68
C GLU A 270 -4.07 4.51 28.45
N LEU A 271 -3.49 4.35 27.26
CA LEU A 271 -4.26 4.47 26.03
C LEU A 271 -5.38 3.44 25.97
N LEU A 272 -5.09 2.20 26.36
CA LEU A 272 -6.12 1.17 26.40
C LEU A 272 -7.20 1.52 27.42
N GLN A 273 -6.81 2.15 28.53
CA GLN A 273 -7.75 2.52 29.57
C GLN A 273 -8.61 3.71 29.16
N ASN A 274 -8.03 4.67 28.44
CA ASN A 274 -8.72 5.93 28.13
C ASN A 274 -9.33 5.95 26.74
N GLY A 275 -8.83 5.15 25.80
CA GLY A 275 -9.17 5.47 24.44
C GLY A 275 -8.39 6.71 24.02
N MET A 276 -8.85 7.36 22.95
CA MET A 276 -8.13 8.51 22.43
C MET A 276 -8.89 9.83 22.59
N ASN A 277 -10.15 9.79 23.00
CA ASN A 277 -10.91 10.98 23.37
C ASN A 277 -10.91 12.01 22.23
N GLY A 278 -11.40 11.56 21.08
CA GLY A 278 -11.50 12.42 19.92
C GLY A 278 -10.19 12.73 19.21
N ARG A 279 -9.07 12.18 19.68
CA ARG A 279 -7.78 12.43 19.06
C ARG A 279 -7.38 11.26 18.16
N THR A 280 -6.31 11.46 17.41
CA THR A 280 -5.75 10.44 16.54
C THR A 280 -4.25 10.35 16.77
N ILE A 281 -3.68 9.20 16.36
CA ILE A 281 -2.25 8.98 16.37
C ILE A 281 -1.83 8.54 14.98
N LEU A 282 -0.97 9.32 14.34
CA LEU A 282 -0.54 9.04 12.97
C LEU A 282 -1.74 8.78 12.06
N GLY A 283 -2.75 9.62 12.19
CA GLY A 283 -3.93 9.52 11.34
C GLY A 283 -4.88 8.39 11.65
N SER A 284 -4.79 7.78 12.83
CA SER A 284 -5.64 6.65 13.18
C SER A 284 -6.25 6.85 14.56
N ALA A 285 -7.49 6.38 14.72
CA ALA A 285 -8.16 6.38 16.00
C ALA A 285 -8.07 5.05 16.74
N LEU A 286 -7.54 4.02 16.09
CA LEU A 286 -7.19 2.76 16.74
C LEU A 286 -5.68 2.67 16.91
N LEU A 287 -5.27 1.70 17.71
CA LEU A 287 -3.85 1.40 17.89
C LEU A 287 -3.43 0.45 16.78
N GLU A 288 -2.57 0.94 15.87
CA GLU A 288 -2.14 0.16 14.72
C GLU A 288 -1.12 -0.89 15.13
N ASP A 289 -1.32 -2.13 14.67
CA ASP A 289 -0.43 -3.22 15.08
C ASP A 289 0.19 -3.97 13.91
N GLU A 290 0.18 -3.40 12.71
CA GLU A 290 0.79 -4.03 11.54
C GLU A 290 2.01 -3.26 11.05
N PHE A 291 2.74 -2.62 11.96
CA PHE A 291 4.06 -2.05 11.72
C PHE A 291 5.03 -2.63 12.72
N THR A 292 6.05 -3.34 12.23
CA THR A 292 7.08 -3.86 13.10
C THR A 292 8.11 -2.79 13.46
N PRO A 293 8.92 -3.03 14.50
CA PRO A 293 10.07 -2.13 14.75
C PRO A 293 10.96 -1.94 13.54
N PHE A 294 11.19 -3.00 12.76
CA PHE A 294 11.96 -2.87 11.54
C PHE A 294 11.26 -1.96 10.53
N ASP A 295 9.94 -2.10 10.39
CA ASP A 295 9.19 -1.23 9.47
C ASP A 295 9.33 0.24 9.87
N VAL A 296 9.24 0.52 11.18
CA VAL A 296 9.30 1.91 11.64
C VAL A 296 10.66 2.52 11.29
N VAL A 297 11.74 1.77 11.55
CA VAL A 297 13.08 2.28 11.28
C VAL A 297 13.28 2.48 9.78
N ARG A 298 12.76 1.57 8.96
CA ARG A 298 12.92 1.70 7.51
C ARG A 298 12.21 2.94 6.99
N GLN A 299 11.02 3.25 7.52
CA GLN A 299 10.23 4.35 6.99
C GLN A 299 10.62 5.69 7.60
N CYS A 300 10.98 5.73 8.88
CA CYS A 300 11.21 7.00 9.57
C CYS A 300 12.63 7.51 9.41
N SER A 301 13.62 6.67 9.62
CA SER A 301 15.02 7.08 9.55
C SER A 301 15.72 6.66 8.26
N GLY A 302 15.14 5.72 7.52
CA GLY A 302 15.72 5.29 6.26
C GLY A 302 16.17 3.83 6.27
N SER B 1 -13.21 -11.85 0.33
CA SER B 1 -13.54 -10.61 1.00
C SER B 1 -12.33 -9.94 1.66
N GLY B 2 -12.60 -8.91 2.47
CA GLY B 2 -11.57 -8.04 2.99
C GLY B 2 -11.44 -6.75 2.19
N PHE B 3 -10.92 -5.72 2.84
CA PHE B 3 -10.75 -4.42 2.19
C PHE B 3 -9.51 -3.75 2.74
N ARG B 4 -8.57 -3.43 1.86
CA ARG B 4 -7.26 -2.92 2.23
C ARG B 4 -6.98 -1.64 1.47
N LYS B 5 -6.12 -0.80 2.05
CA LYS B 5 -5.56 0.34 1.33
C LYS B 5 -4.68 -0.22 0.22
N MET B 6 -5.19 -0.21 -1.01
CA MET B 6 -4.60 -0.96 -2.10
C MET B 6 -4.05 0.00 -3.16
N ALA B 7 -2.74 -0.06 -3.39
CA ALA B 7 -2.11 0.71 -4.45
C ALA B 7 -2.12 -0.07 -5.76
N PHE B 8 -1.87 0.64 -6.84
CA PHE B 8 -1.70 -0.01 -8.14
C PHE B 8 -0.38 -0.77 -8.17
N PRO B 9 -0.29 -1.82 -8.98
CA PRO B 9 1.01 -2.46 -9.21
C PRO B 9 1.97 -1.43 -9.80
N SER B 10 3.21 -1.43 -9.32
CA SER B 10 4.14 -0.34 -9.62
C SER B 10 5.22 -0.73 -10.61
N GLY B 11 5.13 -1.92 -11.21
CA GLY B 11 6.22 -2.41 -12.05
C GLY B 11 6.57 -1.50 -13.20
N LYS B 12 5.55 -1.00 -13.90
CA LYS B 12 5.81 -0.16 -15.07
C LYS B 12 6.43 1.17 -14.69
N VAL B 13 6.15 1.68 -13.49
CA VAL B 13 6.74 2.95 -13.07
C VAL B 13 8.17 2.76 -12.57
N GLU B 14 8.45 1.62 -11.92
CA GLU B 14 9.77 1.38 -11.36
C GLU B 14 10.86 1.49 -12.43
N GLY B 15 10.58 0.97 -13.63
CA GLY B 15 11.54 1.00 -14.72
C GLY B 15 11.79 2.36 -15.32
N CYS B 16 11.13 3.39 -14.82
CA CYS B 16 11.30 4.76 -15.31
C CYS B 16 12.03 5.67 -14.34
N MET B 17 12.23 5.25 -13.09
CA MET B 17 12.89 6.08 -12.10
C MET B 17 14.39 6.11 -12.32
N VAL B 18 14.97 7.31 -12.28
CA VAL B 18 16.40 7.52 -12.38
C VAL B 18 16.81 8.51 -11.30
N GLN B 19 18.12 8.68 -11.15
CA GLN B 19 18.68 9.66 -10.24
C GLN B 19 19.19 10.85 -11.04
N VAL B 20 18.91 12.06 -10.55
CA VAL B 20 19.38 13.29 -11.18
C VAL B 20 20.22 14.05 -10.18
N THR B 21 21.41 14.46 -10.59
CA THR B 21 22.35 15.18 -9.74
C THR B 21 22.79 16.46 -10.44
N CYS B 22 22.76 17.56 -9.68
CA CYS B 22 23.21 18.86 -10.18
C CYS B 22 24.00 19.51 -9.05
N GLY B 23 25.33 19.45 -9.15
CA GLY B 23 26.17 19.88 -8.05
C GLY B 23 26.13 18.89 -6.92
N THR B 24 25.75 19.34 -5.73
CA THR B 24 25.58 18.46 -4.59
C THR B 24 24.12 18.11 -4.32
N THR B 25 23.20 18.66 -5.11
CA THR B 25 21.78 18.37 -4.95
C THR B 25 21.40 17.12 -5.74
N THR B 26 20.81 16.14 -5.06
CA THR B 26 20.35 14.91 -5.68
C THR B 26 18.86 14.73 -5.43
N LEU B 27 18.17 14.18 -6.43
CA LEU B 27 16.77 13.78 -6.27
C LEU B 27 16.46 12.75 -7.35
N ASN B 28 15.17 12.45 -7.53
CA ASN B 28 14.74 11.42 -8.47
C ASN B 28 14.19 12.04 -9.74
N GLY B 29 14.33 11.29 -10.83
CA GLY B 29 13.79 11.71 -12.11
C GLY B 29 12.97 10.60 -12.74
N LEU B 30 12.02 11.02 -13.58
CA LEU B 30 11.14 10.12 -14.32
C LEU B 30 11.61 10.07 -15.76
N TRP B 31 12.15 8.92 -16.18
CA TRP B 31 12.71 8.74 -17.52
C TRP B 31 11.63 8.15 -18.42
N LEU B 32 11.08 8.97 -19.30
CA LEU B 32 10.03 8.56 -20.24
C LEU B 32 10.49 8.88 -21.65
N ASP B 33 10.41 7.88 -22.53
CA ASP B 33 10.96 8.03 -23.87
C ASP B 33 12.40 8.54 -23.75
N ASP B 34 12.70 9.68 -24.39
CA ASP B 34 14.05 10.24 -24.35
C ASP B 34 14.12 11.55 -23.55
N VAL B 35 13.24 11.71 -22.56
CA VAL B 35 13.23 12.89 -21.69
C VAL B 35 13.16 12.42 -20.24
N VAL B 36 13.90 13.10 -19.37
CA VAL B 36 13.87 12.89 -17.93
C VAL B 36 13.21 14.09 -17.28
N TYR B 37 12.15 13.85 -16.52
CA TYR B 37 11.45 14.90 -15.78
C TYR B 37 11.86 14.85 -14.31
N CYS B 38 12.05 16.03 -13.72
CA CYS B 38 12.49 16.10 -12.32
C CYS B 38 12.16 17.49 -11.78
N PRO B 39 12.12 17.65 -10.46
CA PRO B 39 11.83 18.98 -9.88
C PRO B 39 12.93 19.98 -10.22
N ARG B 40 12.49 21.19 -10.55
CA ARG B 40 13.43 22.24 -10.96
C ARG B 40 14.36 22.67 -9.84
N HIS B 41 13.99 22.44 -8.57
CA HIS B 41 14.91 22.87 -7.51
C HIS B 41 16.15 21.98 -7.39
N VAL B 42 16.37 21.03 -8.32
CA VAL B 42 17.62 20.31 -8.36
C VAL B 42 18.80 21.21 -8.74
N ILE B 43 18.53 22.35 -9.38
CA ILE B 43 19.59 23.29 -9.74
C ILE B 43 19.92 24.23 -8.59
N CYS B 44 19.23 24.12 -7.47
CA CYS B 44 19.50 24.96 -6.31
C CYS B 44 20.65 24.39 -5.49
N THR B 45 21.49 25.29 -4.99
CA THR B 45 22.38 24.92 -3.90
C THR B 45 21.64 25.00 -2.57
N SER B 46 22.28 24.51 -1.51
CA SER B 46 21.68 24.60 -0.19
C SER B 46 21.44 26.04 0.22
N GLU B 47 22.31 26.96 -0.21
CA GLU B 47 22.15 28.38 0.09
C GLU B 47 21.23 29.09 -0.89
N ASP B 48 20.87 28.44 -2.00
CA ASP B 48 20.01 29.05 -3.01
C ASP B 48 18.53 28.91 -2.71
N MET B 49 18.14 28.09 -1.72
CA MET B 49 16.78 27.59 -1.61
C MET B 49 15.84 28.50 -0.83
N LEU B 50 16.32 29.64 -0.34
CA LEU B 50 15.43 30.55 0.41
C LEU B 50 14.51 31.32 -0.53
N ASN B 51 15.09 32.07 -1.47
CA ASN B 51 14.32 32.84 -2.46
C ASN B 51 14.99 32.69 -3.82
N PRO B 52 14.97 31.49 -4.39
CA PRO B 52 15.71 31.25 -5.63
C PRO B 52 15.05 31.90 -6.82
N ASN B 53 15.89 32.32 -7.77
CA ASN B 53 15.43 32.77 -9.08
C ASN B 53 15.74 31.63 -10.05
N TYR B 54 14.76 30.78 -10.28
CA TYR B 54 14.98 29.61 -11.13
C TYR B 54 15.28 30.01 -12.56
N GLU B 55 14.68 31.10 -13.03
CA GLU B 55 15.02 31.65 -14.34
C GLU B 55 16.53 31.92 -14.42
N ASP B 56 17.08 32.58 -13.41
CA ASP B 56 18.49 32.96 -13.43
C ASP B 56 19.41 31.78 -13.12
N LEU B 57 18.99 30.89 -12.22
CA LEU B 57 19.84 29.74 -11.88
C LEU B 57 20.00 28.80 -13.07
N LEU B 58 18.99 28.69 -13.93
CA LEU B 58 19.07 27.76 -15.06
C LEU B 58 19.92 28.30 -16.20
N ILE B 59 19.90 29.63 -16.42
CA ILE B 59 20.65 30.22 -17.53
C ILE B 59 22.13 29.87 -17.43
N ARG B 60 22.68 29.85 -16.21
CA ARG B 60 24.09 29.56 -16.03
C ARG B 60 24.42 28.09 -16.19
N LYS B 61 23.45 27.23 -16.42
CA LYS B 61 23.67 25.79 -16.50
C LYS B 61 23.68 25.33 -17.95
N SER B 62 24.47 24.29 -18.22
CA SER B 62 24.55 23.64 -19.52
C SER B 62 24.12 22.19 -19.40
N ASN B 63 24.15 21.48 -20.53
CA ASN B 63 23.62 20.12 -20.58
C ASN B 63 24.39 19.19 -19.65
N HIS B 64 25.73 19.24 -19.72
CA HIS B 64 26.54 18.31 -18.94
C HIS B 64 26.56 18.66 -17.45
N ASN B 65 25.94 19.77 -17.04
CA ASN B 65 25.78 20.10 -15.62
C ASN B 65 24.74 19.24 -14.93
N PHE B 66 24.14 18.28 -15.62
CA PHE B 66 23.13 17.39 -15.05
C PHE B 66 23.62 15.97 -15.18
N LEU B 67 23.75 15.29 -14.05
CA LEU B 67 24.20 13.91 -14.00
C LEU B 67 22.97 13.02 -13.83
N VAL B 68 22.65 12.26 -14.87
CA VAL B 68 21.50 11.37 -14.87
C VAL B 68 21.99 9.93 -14.87
N GLN B 69 21.63 9.18 -13.83
CA GLN B 69 22.04 7.79 -13.69
C GLN B 69 20.80 6.91 -13.70
N ALA B 70 20.76 5.96 -14.62
CA ALA B 70 19.73 4.93 -14.68
C ALA B 70 20.40 3.63 -14.20
N GLY B 71 20.33 3.39 -12.89
CA GLY B 71 21.08 2.29 -12.32
C GLY B 71 22.56 2.61 -12.36
N ASN B 72 23.36 1.68 -12.87
CA ASN B 72 24.79 1.87 -13.00
C ASN B 72 25.17 2.45 -14.36
N VAL B 73 24.20 2.88 -15.16
CA VAL B 73 24.44 3.47 -16.47
C VAL B 73 24.15 4.96 -16.39
N GLN B 74 25.08 5.76 -16.90
CA GLN B 74 24.92 7.22 -16.92
C GLN B 74 24.35 7.63 -18.27
N LEU B 75 23.29 8.43 -18.24
CA LEU B 75 22.63 8.91 -19.46
C LEU B 75 23.24 10.24 -19.88
N ARG B 76 23.38 10.42 -21.19
CA ARG B 76 23.99 11.62 -21.75
C ARG B 76 22.90 12.65 -22.02
N VAL B 77 23.03 13.83 -21.40
CA VAL B 77 22.02 14.88 -21.56
C VAL B 77 22.37 15.71 -22.79
N ILE B 78 21.47 15.72 -23.76
CA ILE B 78 21.64 16.46 -25.01
C ILE B 78 20.76 17.68 -25.07
N GLY B 79 20.00 17.97 -24.03
CA GLY B 79 19.17 19.16 -24.00
C GLY B 79 18.56 19.34 -22.64
N HIS B 80 18.14 20.57 -22.37
CA HIS B 80 17.51 20.90 -21.10
C HIS B 80 16.60 22.11 -21.28
N SER B 81 15.49 22.10 -20.55
CA SER B 81 14.59 23.23 -20.53
C SER B 81 13.73 23.12 -19.28
N MET B 82 13.01 24.20 -18.97
CA MET B 82 12.18 24.26 -17.79
C MET B 82 10.74 24.52 -18.20
N GLN B 83 9.82 23.70 -17.68
CA GLN B 83 8.39 23.91 -17.86
C GLN B 83 7.78 24.04 -16.47
N ASN B 84 7.42 25.26 -16.11
CA ASN B 84 6.86 25.55 -14.78
C ASN B 84 7.88 25.05 -13.76
N CYS B 85 7.47 24.24 -12.78
CA CYS B 85 8.36 23.86 -11.69
C CYS B 85 9.10 22.55 -11.93
N VAL B 86 9.04 22.00 -13.14
CA VAL B 86 9.78 20.78 -13.44
C VAL B 86 10.83 21.08 -14.52
N LEU B 87 11.87 20.28 -14.50
CA LEU B 87 12.96 20.36 -15.46
C LEU B 87 12.84 19.18 -16.41
N LYS B 88 12.98 19.44 -17.71
CA LYS B 88 12.97 18.41 -18.74
C LYS B 88 14.39 18.27 -19.28
N LEU B 89 14.94 17.07 -19.18
CA LEU B 89 16.30 16.78 -19.62
C LEU B 89 16.24 15.78 -20.77
N LYS B 90 16.50 16.26 -21.98
CA LYS B 90 16.53 15.39 -23.15
C LYS B 90 17.79 14.54 -23.14
N VAL B 91 17.63 13.24 -23.32
CA VAL B 91 18.75 12.32 -23.33
C VAL B 91 18.82 11.66 -24.70
N ASP B 92 19.99 11.09 -25.01
CA ASP B 92 20.22 10.50 -26.31
C ASP B 92 19.74 9.05 -26.41
N THR B 93 19.10 8.53 -25.36
CA THR B 93 18.60 7.16 -25.35
C THR B 93 17.15 7.18 -24.89
N ALA B 94 16.27 6.63 -25.72
CA ALA B 94 14.89 6.45 -25.29
C ALA B 94 14.80 5.31 -24.28
N ASN B 95 14.00 5.51 -23.24
CA ASN B 95 13.84 4.48 -22.22
C ASN B 95 13.20 3.25 -22.82
N PRO B 96 13.93 2.14 -22.95
CA PRO B 96 13.32 0.93 -23.54
C PRO B 96 12.24 0.32 -22.67
N LYS B 97 12.14 0.73 -21.41
CA LYS B 97 11.09 0.27 -20.51
C LYS B 97 9.94 1.25 -20.44
N THR B 98 9.86 2.20 -21.37
CA THR B 98 8.78 3.18 -21.41
C THR B 98 7.45 2.47 -21.53
N PRO B 99 6.54 2.63 -20.57
CA PRO B 99 5.20 2.06 -20.72
C PRO B 99 4.31 3.02 -21.51
N LYS B 100 3.12 2.54 -21.86
CA LYS B 100 2.09 3.43 -22.36
C LYS B 100 1.67 4.36 -21.22
N TYR B 101 1.77 5.66 -21.45
CA TYR B 101 1.52 6.62 -20.38
C TYR B 101 0.89 7.89 -20.93
N LYS B 102 0.35 8.69 -20.02
CA LYS B 102 -0.05 10.06 -20.30
C LYS B 102 0.04 10.86 -19.01
N PHE B 103 0.14 12.18 -19.15
CA PHE B 103 0.12 13.10 -18.01
C PHE B 103 -1.30 13.58 -17.79
N VAL B 104 -1.80 13.43 -16.57
CA VAL B 104 -3.14 13.90 -16.22
C VAL B 104 -3.07 14.66 -14.92
N ARG B 105 -3.82 15.75 -14.83
CA ARG B 105 -3.97 16.50 -13.59
C ARG B 105 -5.23 16.02 -12.90
N ILE B 106 -5.11 15.65 -11.63
CA ILE B 106 -6.24 15.09 -10.92
C ILE B 106 -6.96 16.19 -10.15
N GLN B 107 -8.22 15.93 -9.83
CA GLN B 107 -9.00 16.84 -9.02
C GLN B 107 -8.75 16.57 -7.53
N PRO B 108 -8.95 17.57 -6.68
CA PRO B 108 -8.89 17.31 -5.24
C PRO B 108 -9.90 16.25 -4.84
N GLY B 109 -9.48 15.32 -4.00
CA GLY B 109 -10.29 14.19 -3.61
C GLY B 109 -10.00 12.92 -4.36
N GLN B 110 -9.39 12.99 -5.54
CA GLN B 110 -9.04 11.79 -6.29
C GLN B 110 -7.81 11.14 -5.68
N THR B 111 -7.73 9.82 -5.80
CA THR B 111 -6.65 9.05 -5.22
C THR B 111 -5.61 8.68 -6.26
N PHE B 112 -4.44 8.23 -5.78
CA PHE B 112 -3.37 7.76 -6.64
C PHE B 112 -2.38 6.97 -5.78
N SER B 113 -1.49 6.24 -6.47
CA SER B 113 -0.44 5.47 -5.84
C SER B 113 0.86 6.26 -5.92
N VAL B 114 1.58 6.32 -4.81
CA VAL B 114 2.88 6.98 -4.75
C VAL B 114 3.96 5.92 -4.79
N LEU B 115 4.96 6.11 -5.65
CA LEU B 115 6.16 5.28 -5.64
C LEU B 115 7.27 6.13 -5.01
N ALA B 116 7.45 5.98 -3.70
CA ALA B 116 8.51 6.70 -3.01
C ALA B 116 9.86 6.18 -3.48
N CYS B 117 10.77 7.10 -3.80
CA CYS B 117 12.07 6.76 -4.36
C CYS B 117 13.17 7.57 -3.69
N TYR B 118 14.36 6.97 -3.63
CA TYR B 118 15.54 7.62 -3.08
C TYR B 118 16.74 7.21 -3.93
N ASN B 119 17.49 8.20 -4.41
CA ASN B 119 18.66 7.96 -5.27
C ASN B 119 18.27 7.20 -6.53
N GLY B 120 17.14 7.55 -7.12
CA GLY B 120 16.65 6.89 -8.32
C GLY B 120 16.24 5.45 -8.15
N SER B 121 16.16 4.96 -6.92
CA SER B 121 15.81 3.56 -6.69
C SER B 121 14.47 3.49 -5.99
N PRO B 122 13.48 2.77 -6.55
CA PRO B 122 12.18 2.65 -5.88
C PRO B 122 12.30 1.94 -4.54
N SER B 123 11.69 2.51 -3.51
CA SER B 123 11.81 1.97 -2.17
C SER B 123 10.48 1.56 -1.54
N GLY B 124 9.36 2.15 -1.93
CA GLY B 124 8.07 1.76 -1.38
C GLY B 124 6.93 2.35 -2.18
N VAL B 125 5.75 1.79 -1.96
CA VAL B 125 4.54 2.24 -2.65
C VAL B 125 3.40 2.30 -1.65
N TYR B 126 2.60 3.36 -1.74
CA TYR B 126 1.44 3.49 -0.88
C TYR B 126 0.35 4.32 -1.57
N GLN B 127 -0.88 4.09 -1.16
CA GLN B 127 -2.03 4.78 -1.69
C GLN B 127 -2.33 6.01 -0.83
N CYS B 128 -2.70 7.11 -1.50
CA CYS B 128 -3.07 8.33 -0.81
C CYS B 128 -4.03 9.12 -1.68
N ALA B 129 -4.50 10.25 -1.14
CA ALA B 129 -5.47 11.08 -1.83
C ALA B 129 -5.00 12.53 -1.87
N MET B 130 -5.29 13.20 -2.97
CA MET B 130 -5.17 14.65 -3.04
C MET B 130 -6.21 15.26 -2.11
N ARG B 131 -5.75 15.85 -1.00
CA ARG B 131 -6.67 16.44 -0.04
C ARG B 131 -7.38 17.62 -0.68
N PRO B 132 -8.59 17.96 -0.21
CA PRO B 132 -9.26 19.16 -0.71
C PRO B 132 -8.42 20.43 -0.61
N ASN B 133 -7.52 20.52 0.35
CA ASN B 133 -6.61 21.66 0.44
C ASN B 133 -5.36 21.47 -0.42
N PHE B 134 -5.35 20.45 -1.27
CA PHE B 134 -4.32 20.19 -2.27
C PHE B 134 -2.99 19.77 -1.65
N THR B 135 -2.98 19.38 -0.38
CA THR B 135 -1.81 18.72 0.17
C THR B 135 -1.98 17.21 0.05
N ILE B 136 -0.88 16.50 0.32
CA ILE B 136 -0.87 15.05 0.35
C ILE B 136 -0.31 14.62 1.70
N LYS B 137 -1.06 13.80 2.41
CA LYS B 137 -0.60 13.22 3.67
C LYS B 137 0.26 12.00 3.32
N GLY B 138 1.47 12.28 2.86
CA GLY B 138 2.40 11.25 2.42
C GLY B 138 3.39 10.85 3.49
N SER B 139 4.34 10.03 3.07
CA SER B 139 5.47 9.60 3.92
C SER B 139 6.72 9.80 3.07
N PHE B 140 7.47 10.85 3.36
CA PHE B 140 8.59 11.29 2.54
C PHE B 140 9.72 11.78 3.41
N LEU B 141 10.94 11.44 3.03
CA LEU B 141 12.16 11.90 3.68
C LEU B 141 12.99 12.70 2.68
N ASN B 142 14.11 13.26 3.15
CA ASN B 142 15.03 13.94 2.25
C ASN B 142 15.48 13.00 1.15
N GLY B 143 15.56 13.52 -0.07
CA GLY B 143 15.90 12.71 -1.23
C GLY B 143 14.71 12.11 -1.94
N SER B 144 13.50 12.26 -1.40
CA SER B 144 12.31 11.71 -2.02
C SER B 144 11.73 12.61 -3.11
N ALA B 145 12.25 13.82 -3.27
CA ALA B 145 11.79 14.69 -4.34
C ALA B 145 11.99 14.01 -5.69
N GLY B 146 10.99 14.12 -6.56
CA GLY B 146 10.99 13.43 -7.83
C GLY B 146 10.19 12.15 -7.85
N SER B 147 9.88 11.58 -6.68
CA SER B 147 8.94 10.47 -6.60
C SER B 147 7.62 10.89 -7.26
N VAL B 148 6.92 9.91 -7.84
CA VAL B 148 5.74 10.23 -8.64
C VAL B 148 4.53 9.50 -8.10
N GLY B 149 3.36 10.09 -8.33
CA GLY B 149 2.09 9.46 -8.10
C GLY B 149 1.45 9.14 -9.44
N PHE B 150 0.65 8.07 -9.47
CA PHE B 150 0.10 7.60 -10.73
C PHE B 150 -1.18 6.83 -10.49
N ASN B 151 -1.94 6.66 -11.57
CA ASN B 151 -3.04 5.73 -11.65
C ASN B 151 -2.83 4.86 -12.88
N ILE B 152 -3.55 3.75 -12.95
CA ILE B 152 -3.56 2.90 -14.14
C ILE B 152 -4.99 2.91 -14.66
N ASP B 153 -5.21 3.63 -15.75
CA ASP B 153 -6.53 3.68 -16.41
C ASP B 153 -6.51 2.67 -17.55
N TYR B 154 -7.23 1.56 -17.36
CA TYR B 154 -7.24 0.44 -18.30
C TYR B 154 -5.84 -0.10 -18.53
N ASP B 155 -5.19 0.30 -19.63
CA ASP B 155 -3.86 -0.19 -19.97
C ASP B 155 -2.80 0.91 -19.95
N CYS B 156 -3.13 2.08 -19.41
CA CYS B 156 -2.28 3.25 -19.54
C CYS B 156 -1.91 3.80 -18.17
N VAL B 157 -0.64 4.06 -17.95
CA VAL B 157 -0.19 4.69 -16.71
C VAL B 157 -0.46 6.19 -16.81
N SER B 158 -1.25 6.71 -15.90
CA SER B 158 -1.55 8.15 -15.86
C SER B 158 -0.76 8.76 -14.72
N PHE B 159 0.36 9.41 -15.06
CA PHE B 159 1.14 10.13 -14.07
C PHE B 159 0.43 11.41 -13.67
N CYS B 160 0.18 11.59 -12.38
CA CYS B 160 -0.55 12.75 -11.90
C CYS B 160 0.18 13.58 -10.85
N TYR B 161 1.30 13.11 -10.31
CA TYR B 161 1.95 13.81 -9.22
C TYR B 161 3.45 13.61 -9.30
N MET B 162 4.21 14.66 -9.00
CA MET B 162 5.64 14.56 -8.75
C MET B 162 5.95 15.32 -7.47
N HIS B 163 6.67 14.66 -6.56
CA HIS B 163 6.87 15.21 -5.22
C HIS B 163 7.99 16.24 -5.21
N HIS B 164 7.79 17.29 -4.39
CA HIS B 164 8.77 18.37 -4.29
C HIS B 164 9.23 18.63 -2.86
N MET B 165 8.29 18.76 -1.91
CA MET B 165 8.64 19.39 -0.63
C MET B 165 7.67 18.94 0.47
N GLU B 166 8.08 19.22 1.71
CA GLU B 166 7.29 18.93 2.90
C GLU B 166 6.97 20.23 3.62
N LEU B 167 5.71 20.43 3.97
CA LEU B 167 5.28 21.61 4.69
C LEU B 167 5.65 21.49 6.17
N PRO B 168 5.74 22.62 6.88
CA PRO B 168 6.07 22.55 8.31
C PRO B 168 5.13 21.67 9.11
N THR B 169 3.88 21.52 8.68
CA THR B 169 2.95 20.61 9.35
C THR B 169 3.25 19.15 9.08
N GLY B 170 4.25 18.84 8.27
CA GLY B 170 4.59 17.46 7.95
C GLY B 170 3.81 16.87 6.80
N VAL B 171 2.86 17.59 6.21
CA VAL B 171 2.19 17.16 4.99
C VAL B 171 3.04 17.59 3.82
N HIS B 172 2.68 17.16 2.61
CA HIS B 172 3.57 17.29 1.47
C HIS B 172 2.86 17.99 0.31
N ALA B 173 3.66 18.55 -0.58
CA ALA B 173 3.17 19.31 -1.71
C ALA B 173 4.02 19.00 -2.93
N GLY B 174 3.39 19.06 -4.10
CA GLY B 174 4.06 18.76 -5.33
C GLY B 174 3.28 19.29 -6.52
N THR B 175 3.68 18.83 -7.71
CA THR B 175 3.13 19.32 -8.96
C THR B 175 2.58 18.15 -9.77
N ASP B 176 1.88 18.49 -10.86
CA ASP B 176 1.63 17.48 -11.87
C ASP B 176 2.90 17.30 -12.69
N LEU B 177 2.84 16.43 -13.71
CA LEU B 177 4.05 16.17 -14.49
C LEU B 177 4.35 17.29 -15.48
N GLU B 178 3.48 18.27 -15.60
CA GLU B 178 3.73 19.47 -16.39
C GLU B 178 4.28 20.61 -15.54
N GLY B 179 4.55 20.37 -14.26
CA GLY B 179 5.18 21.36 -13.41
C GLY B 179 4.25 22.28 -12.64
N ASN B 180 2.94 22.13 -12.81
CA ASN B 180 1.99 23.01 -12.14
C ASN B 180 1.75 22.51 -10.72
N PHE B 181 1.95 23.38 -9.74
CA PHE B 181 1.76 23.00 -8.35
C PHE B 181 0.29 22.65 -8.11
N TYR B 182 0.07 21.61 -7.30
CA TYR B 182 -1.21 21.44 -6.64
C TYR B 182 -1.20 22.33 -5.40
N GLY B 183 -2.17 23.23 -5.31
CA GLY B 183 -2.34 24.04 -4.12
C GLY B 183 -1.50 25.31 -4.12
N PRO B 184 -1.84 26.22 -3.20
CA PRO B 184 -1.24 27.57 -3.22
C PRO B 184 0.16 27.62 -2.62
N PHE B 185 1.08 26.87 -3.22
CA PHE B 185 2.43 26.73 -2.70
C PHE B 185 3.44 27.04 -3.79
N VAL B 186 4.65 27.36 -3.36
CA VAL B 186 5.76 27.68 -4.25
C VAL B 186 6.99 26.93 -3.74
N ASP B 187 7.90 26.60 -4.66
CA ASP B 187 9.04 25.74 -4.31
C ASP B 187 10.18 26.62 -3.79
N ARG B 188 10.09 26.96 -2.51
CA ARG B 188 11.17 27.63 -1.80
C ARG B 188 10.98 27.44 -0.30
N GLN B 189 12.09 27.43 0.43
CA GLN B 189 12.12 27.11 1.85
C GLN B 189 11.72 28.33 2.67
N THR B 190 10.43 28.64 2.62
CA THR B 190 9.83 29.72 3.38
C THR B 190 8.66 29.17 4.17
N ALA B 191 8.11 30.00 5.05
CA ALA B 191 6.91 29.64 5.80
C ALA B 191 5.72 29.59 4.86
N GLN B 192 5.07 28.43 4.77
CA GLN B 192 3.92 28.25 3.90
C GLN B 192 2.93 27.33 4.61
N ALA B 193 1.68 27.78 4.70
CA ALA B 193 0.62 26.99 5.30
C ALA B 193 -0.48 26.75 4.29
N ALA B 194 -1.15 25.61 4.42
CA ALA B 194 -2.25 25.28 3.53
C ALA B 194 -3.57 25.78 4.09
N GLY B 195 -4.57 25.83 3.23
CA GLY B 195 -5.91 26.08 3.69
C GLY B 195 -6.41 24.98 4.60
N THR B 196 -7.52 25.27 5.27
CA THR B 196 -8.14 24.28 6.14
C THR B 196 -8.62 23.09 5.32
N ASP B 197 -8.29 21.89 5.78
CA ASP B 197 -8.67 20.67 5.07
C ASP B 197 -10.09 20.26 5.43
N THR B 198 -10.71 19.50 4.53
CA THR B 198 -12.04 18.97 4.72
C THR B 198 -12.06 17.50 4.34
N THR B 199 -13.13 16.80 4.74
CA THR B 199 -13.27 15.38 4.45
C THR B 199 -13.94 15.19 3.09
N ILE B 200 -13.44 14.22 2.33
CA ILE B 200 -13.93 13.95 0.98
C ILE B 200 -15.20 13.12 1.13
N THR B 201 -16.35 13.78 1.07
CA THR B 201 -17.62 13.13 1.40
C THR B 201 -17.93 11.99 0.44
N VAL B 202 -17.74 12.20 -0.86
CA VAL B 202 -18.04 11.14 -1.83
C VAL B 202 -17.20 9.89 -1.54
N ASN B 203 -15.96 10.08 -1.08
CA ASN B 203 -15.09 8.93 -0.77
C ASN B 203 -15.57 8.18 0.47
N VAL B 204 -15.96 8.92 1.52
CA VAL B 204 -16.52 8.28 2.71
C VAL B 204 -17.72 7.42 2.35
N LEU B 205 -18.61 7.94 1.50
CA LEU B 205 -19.78 7.17 1.09
C LEU B 205 -19.36 5.92 0.33
N ALA B 206 -18.36 6.04 -0.54
CA ALA B 206 -17.82 4.87 -1.23
C ALA B 206 -17.28 3.86 -0.23
N TRP B 207 -16.58 4.33 0.80
CA TRP B 207 -16.01 3.44 1.80
C TRP B 207 -17.10 2.77 2.63
N LEU B 208 -18.18 3.49 2.93
CA LEU B 208 -19.31 2.87 3.60
C LEU B 208 -19.96 1.80 2.73
N TYR B 209 -19.99 1.99 1.41
CA TYR B 209 -20.48 0.96 0.51
C TYR B 209 -19.57 -0.26 0.53
N ALA B 210 -18.26 -0.04 0.57
CA ALA B 210 -17.32 -1.16 0.67
C ALA B 210 -17.54 -1.95 1.95
N ALA B 211 -17.88 -1.25 3.04
CA ALA B 211 -18.15 -1.94 4.30
C ALA B 211 -19.39 -2.82 4.20
N VAL B 212 -20.45 -2.32 3.57
CA VAL B 212 -21.67 -3.10 3.41
C VAL B 212 -21.40 -4.34 2.56
N ILE B 213 -20.60 -4.18 1.49
CA ILE B 213 -20.20 -5.34 0.69
C ILE B 213 -19.49 -6.37 1.55
N ASN B 214 -18.75 -5.91 2.56
CA ASN B 214 -18.04 -6.81 3.46
C ASN B 214 -18.85 -7.22 4.68
N GLY B 215 -20.16 -6.93 4.69
CA GLY B 215 -21.03 -7.35 5.77
C GLY B 215 -21.13 -6.41 6.95
N ASP B 216 -20.45 -5.25 6.91
CA ASP B 216 -20.55 -4.27 7.98
C ASP B 216 -21.78 -3.41 7.74
N ARG B 217 -22.85 -3.67 8.50
CA ARG B 217 -24.14 -3.04 8.26
C ARG B 217 -24.74 -2.30 9.45
N TRP B 218 -24.05 -2.24 10.59
CA TRP B 218 -24.66 -1.66 11.79
C TRP B 218 -24.99 -0.18 11.64
N PHE B 219 -24.29 0.53 10.76
CA PHE B 219 -24.51 1.97 10.59
C PHE B 219 -25.69 2.30 9.70
N LEU B 220 -26.28 1.32 9.02
CA LEU B 220 -27.46 1.57 8.22
C LEU B 220 -28.65 1.91 9.13
N ASN B 221 -29.62 2.62 8.56
CA ASN B 221 -30.79 3.04 9.31
C ASN B 221 -31.96 3.20 8.35
N ARG B 222 -33.14 3.42 8.92
CA ARG B 222 -34.36 3.58 8.15
C ARG B 222 -34.46 4.92 7.42
N PHE B 223 -33.58 5.86 7.73
CA PHE B 223 -33.78 7.23 7.30
C PHE B 223 -33.18 7.50 5.93
N THR B 224 -33.67 8.56 5.30
CA THR B 224 -33.05 9.16 4.13
C THR B 224 -32.96 10.66 4.37
N THR B 225 -32.30 11.35 3.45
CA THR B 225 -32.14 12.80 3.55
C THR B 225 -32.28 13.39 2.16
N THR B 226 -31.81 14.62 2.00
CA THR B 226 -31.76 15.30 0.70
C THR B 226 -30.39 15.94 0.55
N LEU B 227 -30.05 16.27 -0.70
CA LEU B 227 -28.79 16.94 -0.96
C LEU B 227 -28.68 18.25 -0.19
N ASN B 228 -29.76 19.03 -0.16
CA ASN B 228 -29.73 20.30 0.56
C ASN B 228 -29.63 20.08 2.06
N ASP B 229 -30.38 19.12 2.59
CA ASP B 229 -30.37 18.89 4.03
C ASP B 229 -29.04 18.28 4.47
N PHE B 230 -28.48 17.38 3.66
CA PHE B 230 -27.19 16.78 4.01
C PHE B 230 -26.08 17.81 3.94
N ASN B 231 -26.04 18.62 2.88
CA ASN B 231 -24.95 19.57 2.74
C ASN B 231 -24.97 20.64 3.83
N LEU B 232 -26.14 20.90 4.42
CA LEU B 232 -26.19 21.86 5.53
C LEU B 232 -25.40 21.37 6.73
N VAL B 233 -25.56 20.09 7.08
CA VAL B 233 -24.79 19.53 8.18
C VAL B 233 -23.39 19.11 7.74
N ALA B 234 -23.20 18.80 6.46
CA ALA B 234 -21.86 18.48 5.98
C ALA B 234 -20.94 19.69 6.07
N MET B 235 -21.42 20.86 5.65
CA MET B 235 -20.62 22.07 5.79
C MET B 235 -20.33 22.38 7.25
N LYS B 236 -21.25 22.02 8.15
CA LYS B 236 -21.06 22.29 9.57
C LYS B 236 -19.96 21.42 10.18
N TYR B 237 -19.71 20.25 9.60
CA TYR B 237 -18.69 19.33 10.11
C TYR B 237 -17.43 19.34 9.25
N ASN B 238 -17.27 20.36 8.42
CA ASN B 238 -16.09 20.50 7.55
C ASN B 238 -16.00 19.32 6.57
N TYR B 239 -17.13 18.99 5.98
CA TYR B 239 -17.20 17.99 4.93
C TYR B 239 -17.41 18.67 3.60
N GLU B 240 -16.81 18.09 2.56
CA GLU B 240 -16.98 18.64 1.22
C GLU B 240 -18.45 18.54 0.80
N PRO B 241 -18.93 19.50 0.01
CA PRO B 241 -20.31 19.41 -0.47
C PRO B 241 -20.49 18.21 -1.38
N LEU B 242 -21.66 17.59 -1.30
CA LEU B 242 -22.02 16.48 -2.17
C LEU B 242 -22.82 17.01 -3.34
N THR B 243 -22.40 16.65 -4.55
CA THR B 243 -23.04 17.10 -5.79
C THR B 243 -23.84 15.97 -6.40
N GLN B 244 -24.61 16.32 -7.44
CA GLN B 244 -25.32 15.31 -8.22
C GLN B 244 -24.35 14.40 -8.97
N ASP B 245 -23.17 14.91 -9.30
CA ASP B 245 -22.16 14.08 -9.94
C ASP B 245 -21.71 12.96 -9.02
N HIS B 246 -21.48 13.29 -7.74
CA HIS B 246 -21.06 12.26 -6.79
C HIS B 246 -22.13 11.19 -6.63
N VAL B 247 -23.39 11.59 -6.59
CA VAL B 247 -24.48 10.63 -6.50
C VAL B 247 -24.46 9.71 -7.71
N ASP B 248 -24.21 10.28 -8.90
CA ASP B 248 -24.24 9.49 -10.13
C ASP B 248 -23.12 8.44 -10.13
N ILE B 249 -21.89 8.86 -9.83
CA ILE B 249 -20.77 7.93 -9.85
C ILE B 249 -20.90 6.87 -8.76
N LEU B 250 -21.72 7.11 -7.74
CA LEU B 250 -21.97 6.12 -6.70
C LEU B 250 -23.05 5.11 -7.11
N GLY B 251 -23.75 5.34 -8.22
CA GLY B 251 -24.80 4.48 -8.69
C GLY B 251 -24.49 3.00 -8.74
N PRO B 252 -23.39 2.62 -9.39
CA PRO B 252 -23.04 1.19 -9.46
C PRO B 252 -22.93 0.52 -8.10
N LEU B 253 -22.41 1.24 -7.09
CA LEU B 253 -22.34 0.69 -5.75
C LEU B 253 -23.71 0.66 -5.08
N SER B 254 -24.55 1.66 -5.34
CA SER B 254 -25.86 1.72 -4.71
C SER B 254 -26.76 0.60 -5.23
N ALA B 255 -26.69 0.29 -6.51
CA ALA B 255 -27.51 -0.78 -7.06
C ALA B 255 -26.97 -2.16 -6.67
N GLN B 256 -25.65 -2.29 -6.53
CA GLN B 256 -25.07 -3.60 -6.24
C GLN B 256 -25.28 -4.01 -4.79
N THR B 257 -25.41 -3.05 -3.88
CA THR B 257 -25.71 -3.37 -2.48
C THR B 257 -27.19 -3.23 -2.14
N GLY B 258 -28.01 -2.72 -3.07
CA GLY B 258 -29.41 -2.46 -2.78
C GLY B 258 -29.63 -1.36 -1.77
N ILE B 259 -28.75 -0.37 -1.73
CA ILE B 259 -28.83 0.72 -0.76
C ILE B 259 -28.72 2.02 -1.53
N ALA B 260 -29.79 2.81 -1.53
CA ALA B 260 -29.80 4.07 -2.27
C ALA B 260 -28.72 5.01 -1.77
N VAL B 261 -28.24 5.86 -2.68
CA VAL B 261 -27.16 6.79 -2.34
C VAL B 261 -27.60 7.72 -1.21
N LEU B 262 -28.84 8.19 -1.27
CA LEU B 262 -29.32 9.15 -0.28
C LEU B 262 -29.71 8.46 1.02
N ASP B 263 -30.06 7.17 0.97
CA ASP B 263 -30.15 6.37 2.20
C ASP B 263 -28.80 6.31 2.90
N MET B 264 -27.72 6.10 2.15
CA MET B 264 -26.39 6.05 2.75
C MET B 264 -25.96 7.40 3.32
N CYS B 265 -26.37 8.51 2.68
CA CYS B 265 -26.06 9.82 3.21
C CYS B 265 -26.71 10.03 4.58
N ALA B 266 -27.91 9.48 4.77
CA ALA B 266 -28.54 9.55 6.08
C ALA B 266 -27.72 8.80 7.12
N SER B 267 -27.12 7.67 6.72
CA SER B 267 -26.21 6.97 7.62
C SER B 267 -25.00 7.84 7.97
N LEU B 268 -24.34 8.41 6.95
CA LEU B 268 -23.19 9.25 7.20
C LEU B 268 -23.57 10.49 8.02
N LYS B 269 -24.76 11.03 7.76
CA LYS B 269 -25.23 12.17 8.55
C LYS B 269 -25.30 11.83 10.04
N GLU B 270 -25.89 10.68 10.37
CA GLU B 270 -26.01 10.28 11.76
C GLU B 270 -24.65 9.98 12.38
N LEU B 271 -23.69 9.52 11.57
CA LEU B 271 -22.37 9.22 12.11
C LEU B 271 -21.62 10.48 12.49
N LEU B 272 -21.81 11.57 11.74
CA LEU B 272 -21.14 12.82 12.07
C LEU B 272 -21.67 13.41 13.37
N GLN B 273 -22.97 13.30 13.60
CA GLN B 273 -23.58 13.96 14.76
C GLN B 273 -23.45 13.14 16.03
N ASN B 274 -23.49 11.82 15.93
CA ASN B 274 -23.46 10.95 17.11
C ASN B 274 -22.20 10.12 17.24
N GLY B 275 -21.30 10.16 16.26
CA GLY B 275 -20.10 9.35 16.33
C GLY B 275 -20.36 7.90 15.94
N MET B 276 -19.42 7.04 16.30
CA MET B 276 -19.50 5.63 15.96
C MET B 276 -20.01 4.76 17.11
N ASN B 277 -20.24 5.36 18.28
CA ASN B 277 -20.79 4.65 19.44
C ASN B 277 -19.93 3.45 19.83
N GLY B 278 -18.61 3.63 19.74
CA GLY B 278 -17.67 2.61 20.17
C GLY B 278 -17.45 1.48 19.19
N ARG B 279 -18.03 1.54 18.01
CA ARG B 279 -17.89 0.48 17.01
C ARG B 279 -16.88 0.88 15.95
N THR B 280 -16.53 -0.09 15.11
CA THR B 280 -15.62 0.13 13.99
C THR B 280 -16.30 -0.25 12.69
N ILE B 281 -15.79 0.33 11.61
CA ILE B 281 -16.24 0.05 10.25
C ILE B 281 -15.00 -0.33 9.44
N LEU B 282 -14.98 -1.56 8.94
CA LEU B 282 -13.85 -2.08 8.17
C LEU B 282 -12.53 -1.89 8.94
N GLY B 283 -12.55 -2.26 10.21
CA GLY B 283 -11.36 -2.15 11.03
C GLY B 283 -10.88 -0.74 11.30
N SER B 284 -11.73 0.26 11.12
CA SER B 284 -11.34 1.64 11.35
C SER B 284 -12.31 2.31 12.30
N ALA B 285 -11.78 3.13 13.19
CA ALA B 285 -12.59 3.96 14.08
C ALA B 285 -12.74 5.39 13.56
N LEU B 286 -12.23 5.65 12.35
CA LEU B 286 -12.41 6.93 11.67
C LEU B 286 -13.21 6.71 10.40
N LEU B 287 -13.79 7.80 9.89
CA LEU B 287 -14.48 7.76 8.60
C LEU B 287 -13.45 7.92 7.50
N GLU B 288 -13.09 6.82 6.86
CA GLU B 288 -12.02 6.81 5.84
C GLU B 288 -12.49 7.52 4.57
N ASP B 289 -11.66 8.44 4.06
CA ASP B 289 -12.03 9.20 2.87
C ASP B 289 -10.96 9.13 1.77
N GLU B 290 -10.13 8.09 1.77
CA GLU B 290 -9.10 7.91 0.76
C GLU B 290 -9.39 6.74 -0.18
N PHE B 291 -10.67 6.40 -0.34
CA PHE B 291 -11.12 5.41 -1.32
C PHE B 291 -12.19 6.07 -2.19
N THR B 292 -11.91 6.22 -3.48
CA THR B 292 -12.92 6.73 -4.38
C THR B 292 -13.94 5.65 -4.69
N PRO B 293 -15.08 6.01 -5.32
CA PRO B 293 -15.99 4.96 -5.80
C PRO B 293 -15.33 3.95 -6.71
N PHE B 294 -14.48 4.37 -7.65
CA PHE B 294 -13.83 3.41 -8.52
C PHE B 294 -12.81 2.57 -7.77
N ASP B 295 -12.19 3.11 -6.72
CA ASP B 295 -11.29 2.32 -5.89
C ASP B 295 -12.01 1.11 -5.30
N VAL B 296 -13.24 1.32 -4.83
CA VAL B 296 -14.02 0.23 -4.26
C VAL B 296 -14.37 -0.79 -5.33
N VAL B 297 -14.76 -0.32 -6.52
CA VAL B 297 -15.16 -1.22 -7.58
C VAL B 297 -13.99 -2.09 -8.03
N ARG B 298 -12.83 -1.47 -8.25
CA ARG B 298 -11.69 -2.24 -8.74
C ARG B 298 -11.20 -3.25 -7.70
N GLN B 299 -11.32 -2.94 -6.41
CA GLN B 299 -10.86 -3.90 -5.41
C GLN B 299 -11.86 -5.03 -5.21
N CYS B 300 -13.15 -4.69 -5.09
CA CYS B 300 -14.16 -5.69 -4.76
C CYS B 300 -14.54 -6.57 -5.95
N SER B 301 -14.30 -6.13 -7.18
CA SER B 301 -14.53 -6.97 -8.35
C SER B 301 -13.24 -7.57 -8.90
N GLY B 302 -12.09 -7.25 -8.30
CA GLY B 302 -10.83 -7.85 -8.72
C GLY B 302 -10.34 -7.42 -10.08
N VAL B 303 -10.44 -6.12 -10.39
CA VAL B 303 -9.94 -5.61 -11.66
C VAL B 303 -8.42 -5.76 -11.72
N THR B 304 -7.92 -6.19 -12.87
CA THR B 304 -6.49 -6.39 -13.09
C THR B 304 -5.97 -5.45 -14.18
N PHE B 305 -4.65 -5.40 -14.29
CA PHE B 305 -3.98 -4.52 -15.24
C PHE B 305 -2.88 -5.24 -16.00
N ALA C 2 -18.79 -20.40 5.04
CA ALA C 2 -18.07 -21.64 4.80
C ALA C 2 -16.60 -21.37 4.44
N VAL C 3 -15.80 -22.42 4.43
CA VAL C 3 -14.39 -22.34 4.09
C VAL C 3 -14.24 -22.44 2.58
N LYS C 4 -13.53 -21.49 1.97
CA LYS C 4 -13.49 -21.37 0.52
C LYS C 4 -12.05 -21.39 0.02
N LEU C 5 -11.68 -22.47 -0.67
CA LEU C 5 -10.45 -22.49 -1.46
C LEU C 5 -10.60 -21.51 -2.62
N GLN C 6 -9.71 -20.54 -2.71
CA GLN C 6 -9.99 -19.39 -3.57
C GLN C 6 -9.36 -19.55 -4.95
N ASN C 7 -9.54 -20.73 -5.55
CA ASN C 7 -9.38 -20.88 -6.99
C ASN C 7 -10.58 -20.25 -7.69
N ASN C 8 -10.60 -20.34 -9.01
CA ASN C 8 -11.75 -19.91 -9.81
C ASN C 8 -12.14 -21.01 -10.77
N GLU C 9 -13.39 -20.97 -11.21
CA GLU C 9 -13.95 -22.00 -12.09
C GLU C 9 -14.53 -21.36 -13.36
N SER D 1 8.22 26.92 11.50
CA SER D 1 9.31 26.45 10.66
C SER D 1 9.03 26.75 9.18
N ALA D 2 9.95 26.39 8.30
CA ALA D 2 9.85 26.66 6.88
C ALA D 2 9.68 25.37 6.07
N VAL D 3 9.24 25.53 4.83
CA VAL D 3 9.14 24.41 3.91
C VAL D 3 10.51 23.80 3.69
N LYS D 4 10.56 22.47 3.59
CA LYS D 4 11.80 21.74 3.33
C LYS D 4 11.69 21.12 1.94
N LEU D 5 12.43 21.68 0.98
CA LEU D 5 12.58 21.03 -0.31
C LEU D 5 13.27 19.68 -0.12
N GLN D 6 12.59 18.60 -0.45
CA GLN D 6 13.06 17.29 -0.02
C GLN D 6 13.99 16.63 -1.03
N ASN D 7 14.91 17.41 -1.58
CA ASN D 7 16.08 16.86 -2.25
C ASN D 7 17.01 16.23 -1.22
N ASN D 8 18.15 15.73 -1.70
CA ASN D 8 19.21 15.29 -0.82
C ASN D 8 20.51 16.01 -1.17
N GLU D 9 21.42 16.02 -0.21
CA GLU D 9 22.73 16.66 -0.37
C GLU D 9 23.82 15.60 -0.44
N LEU D 10 24.88 15.91 -1.17
CA LEU D 10 26.01 15.00 -1.32
C LEU D 10 27.17 15.41 -0.42
C1 GOL E . -9.74 -42.31 -3.49
O1 GOL E . -9.47 -43.24 -2.54
C2 GOL E . -8.62 -42.45 -4.47
O2 GOL E . -7.48 -42.98 -3.85
C3 GOL E . -9.20 -43.39 -5.57
O3 GOL E . -8.61 -44.62 -5.40
C1 GOL F . 24.85 6.85 -24.17
O1 GOL F . 26.03 7.58 -23.97
C2 GOL F . 24.09 6.85 -22.83
O2 GOL F . 23.28 7.97 -22.67
C3 GOL F . 23.27 5.54 -22.84
O3 GOL F . 24.18 4.51 -23.11
#